data_5SAQ
#
_entry.id   5SAQ
#
_cell.length_a   45.430
_cell.length_b   73.380
_cell.length_c   53.060
_cell.angle_alpha   90.000
_cell.angle_beta   109.900
_cell.angle_gamma   90.000
#
_symmetry.space_group_name_H-M   'P 1 21 1'
#
loop_
_entity.id
_entity.type
_entity.pdbx_description
1 polymer Endothiapepsin
2 non-polymer 2-({[4-(methylsulfanyl)phenyl]methyl}amino)ethan-1-ol
3 non-polymer GLYCEROL
4 water water
#
_entity_poly.entity_id   1
_entity_poly.type   'polypeptide(L)'
_entity_poly.pdbx_seq_one_letter_code
;MSSPLKNALVTAMLAGGALSSPTKQHVGIPVNASPEVGPGKYSFKQVRNPNYKFNGPLSVKKTYLKYGVPIPAWLEDAVQ
NSTSGLAERSTGSATTTPIDSLDDAYITPVQIGTPAQTLNLDFDTGSSDLWVFSSETTASEVDGQTIYTPSKSTTAKLLS
GATWSISYGDGSSSSGDVYTDTVSVGGLTVTGQAVESAKKVSSSFTEDSTIDGLLGLAFSTLNTVSPTQQKTFFDNAKAS
LDSPVFTADLGYHAPGTYNFGFIDTTAYTGSITYTAVSTKQGFWEWTSTGYAVGSGTFKSTSIDGIADTGTTLLYLPATV
VSAYWAQVSGAKSSSSVGGYVFPCSATLPSFTFGVGSARIVIPGDYIDFGPISTGSSSCFGGIQSSAGIGINIFGDVALK
AAFVVFNGATTPTLGFASK
;
_entity_poly.pdbx_strand_id   A
#
# COMPACT_ATOMS: atom_id res chain seq x y z
N SER A 90 24.20 1.01 1.28
CA SER A 90 23.57 0.33 0.12
C SER A 90 22.27 1.02 -0.24
N THR A 91 21.76 0.73 -1.43
CA THR A 91 20.47 1.18 -1.89
C THR A 91 19.82 0.07 -2.71
N GLY A 92 18.51 0.21 -2.95
CA GLY A 92 17.81 -0.61 -3.92
C GLY A 92 16.78 0.24 -4.65
N SER A 93 16.41 -0.19 -5.86
CA SER A 93 15.44 0.53 -6.67
C SER A 93 14.69 -0.49 -7.52
N ALA A 94 13.37 -0.55 -7.41
CA ALA A 94 12.57 -1.52 -8.16
C ALA A 94 11.35 -0.82 -8.75
N THR A 95 10.97 -1.25 -9.94
CA THR A 95 9.76 -0.74 -10.57
C THR A 95 8.55 -1.46 -10.02
N THR A 96 7.49 -0.69 -9.75
CA THR A 96 6.21 -1.19 -9.30
C THR A 96 5.18 -0.93 -10.40
N THR A 97 4.32 -1.92 -10.65
CA THR A 97 3.45 -1.92 -11.83
C THR A 97 2.01 -2.15 -11.40
N PRO A 98 1.04 -1.39 -11.91
CA PRO A 98 -0.35 -1.69 -11.57
CA PRO A 98 -0.36 -1.69 -11.59
C PRO A 98 -0.74 -3.09 -12.09
N ILE A 99 -1.58 -3.77 -11.31
CA ILE A 99 -1.99 -5.13 -11.66
C ILE A 99 -3.05 -5.16 -12.77
N ASP A 100 -3.72 -4.04 -13.01
CA ASP A 100 -4.83 -3.99 -13.94
C ASP A 100 -5.03 -2.53 -14.35
N SER A 101 -6.02 -2.31 -15.22
CA SER A 101 -6.23 -1.01 -15.85
C SER A 101 -6.83 0.03 -14.90
N LEU A 102 -7.21 -0.38 -13.69
CA LEU A 102 -7.79 0.49 -12.70
C LEU A 102 -6.80 0.86 -11.61
N ASP A 103 -5.58 0.35 -11.65
CA ASP A 103 -4.63 0.54 -10.56
C ASP A 103 -5.18 -0.04 -9.26
N ASP A 104 -5.79 -1.23 -9.32
CA ASP A 104 -6.35 -1.79 -8.09
C ASP A 104 -5.29 -2.12 -7.04
N ALA A 105 -4.08 -2.40 -7.48
CA ALA A 105 -2.94 -2.67 -6.60
C ALA A 105 -1.72 -2.60 -7.48
N TYR A 106 -0.55 -2.68 -6.85
CA TYR A 106 0.73 -2.57 -7.51
C TYR A 106 1.58 -3.75 -7.10
N ILE A 107 2.31 -4.33 -8.06
CA ILE A 107 3.22 -5.43 -7.79
C ILE A 107 4.64 -5.04 -8.15
N THR A 108 5.57 -5.57 -7.35
CA THR A 108 6.99 -5.27 -7.45
C THR A 108 7.73 -6.61 -7.44
N PRO A 109 8.68 -6.84 -8.35
CA PRO A 109 9.38 -8.12 -8.33
C PRO A 109 10.37 -8.18 -7.17
N VAL A 110 10.42 -9.35 -6.55
CA VAL A 110 11.26 -9.63 -5.38
C VAL A 110 11.96 -10.97 -5.61
N GLN A 111 13.27 -10.99 -5.40
CA GLN A 111 14.06 -12.21 -5.52
C GLN A 111 14.17 -12.90 -4.17
N ILE A 112 13.79 -14.17 -4.10
CA ILE A 112 13.82 -14.92 -2.84
C ILE A 112 14.62 -16.19 -3.07
N GLY A 113 15.59 -16.46 -2.20
CA GLY A 113 16.26 -17.74 -2.25
C GLY A 113 17.46 -17.80 -3.17
N THR A 114 18.05 -19.00 -3.20
CA THR A 114 19.25 -19.30 -3.98
C THR A 114 19.08 -20.66 -4.64
N PRO A 115 19.08 -20.74 -5.98
CA PRO A 115 19.04 -19.61 -6.92
C PRO A 115 17.76 -18.79 -6.71
N ALA A 116 17.77 -17.56 -7.21
CA ALA A 116 16.65 -16.68 -6.99
C ALA A 116 15.36 -17.26 -7.55
N GLN A 117 14.28 -17.09 -6.81
CA GLN A 117 12.92 -17.29 -7.25
C GLN A 117 12.28 -15.92 -7.22
N THR A 118 11.83 -15.42 -8.36
CA THR A 118 11.26 -14.08 -8.44
C THR A 118 9.75 -14.17 -8.34
N LEU A 119 9.20 -13.50 -7.33
CA LEU A 119 7.77 -13.38 -7.09
C LEU A 119 7.39 -11.92 -7.16
N ASN A 120 6.16 -11.65 -7.58
CA ASN A 120 5.66 -10.27 -7.67
C ASN A 120 4.79 -9.98 -6.47
N LEU A 121 5.33 -9.14 -5.57
CA LEU A 121 4.69 -8.92 -4.28
C LEU A 121 4.03 -7.54 -4.22
N ASP A 122 2.98 -7.46 -3.42
CA ASP A 122 2.28 -6.20 -3.15
C ASP A 122 2.95 -5.57 -1.94
N PHE A 123 3.70 -4.48 -2.17
CA PHE A 123 4.38 -3.75 -1.10
C PHE A 123 3.34 -2.96 -0.33
N ASP A 124 3.25 -3.23 0.97
CA ASP A 124 2.10 -2.81 1.78
C ASP A 124 2.59 -2.06 3.01
N THR A 125 2.59 -0.73 2.98
CA THR A 125 2.97 0.07 4.14
C THR A 125 1.96 0.04 5.26
N GLY A 126 0.84 -0.70 5.10
CA GLY A 126 -0.10 -0.92 6.17
C GLY A 126 -0.03 -2.26 6.88
N SER A 127 0.96 -3.10 6.59
CA SER A 127 1.15 -4.35 7.32
C SER A 127 2.63 -4.67 7.38
N SER A 128 2.95 -5.76 8.09
CA SER A 128 4.34 -5.99 8.51
C SER A 128 4.79 -7.43 8.34
N ASP A 129 4.13 -8.18 7.48
CA ASP A 129 4.50 -9.54 7.16
C ASP A 129 4.90 -9.63 5.70
N LEU A 130 5.96 -10.37 5.42
CA LEU A 130 6.37 -10.72 4.07
C LEU A 130 5.92 -12.16 3.89
N TRP A 131 4.84 -12.36 3.15
CA TRP A 131 4.31 -13.71 2.95
C TRP A 131 4.14 -13.98 1.48
N VAL A 132 4.23 -15.26 1.13
CA VAL A 132 4.20 -15.68 -0.27
C VAL A 132 3.37 -16.93 -0.47
N PHE A 133 2.72 -16.98 -1.63
CA PHE A 133 2.26 -18.28 -2.15
C PHE A 133 3.45 -19.22 -2.26
N SER A 134 3.20 -20.50 -2.01
CA SER A 134 4.31 -21.41 -1.90
C SER A 134 3.91 -22.81 -2.33
N SER A 135 4.91 -23.69 -2.38
CA SER A 135 4.68 -25.10 -2.63
C SER A 135 3.86 -25.75 -1.52
N GLU A 136 3.70 -25.07 -0.38
CA GLU A 136 2.91 -25.53 0.75
C GLU A 136 1.47 -25.06 0.70
N THR A 137 1.12 -24.15 -0.20
CA THR A 137 -0.23 -23.59 -0.19
C THR A 137 -1.21 -24.63 -0.71
N THR A 138 -2.32 -24.80 -0.01
CA THR A 138 -3.38 -25.72 -0.41
C THR A 138 -3.61 -25.58 -1.92
N ALA A 139 -3.55 -26.70 -2.63
CA ALA A 139 -3.53 -26.65 -4.08
C ALA A 139 -4.74 -25.93 -4.66
N SER A 140 -5.92 -26.19 -4.11
CA SER A 140 -7.14 -25.58 -4.64
C SER A 140 -7.19 -24.08 -4.42
N GLU A 141 -6.28 -23.55 -3.62
CA GLU A 141 -6.23 -22.12 -3.33
C GLU A 141 -5.19 -21.39 -4.15
N VAL A 142 -4.52 -22.10 -5.05
CA VAL A 142 -3.56 -21.52 -5.98
C VAL A 142 -4.19 -21.52 -7.36
N ASP A 143 -4.23 -20.34 -8.00
CA ASP A 143 -4.87 -20.19 -9.31
C ASP A 143 -4.05 -19.18 -10.13
N GLY A 144 -2.88 -19.60 -10.58
CA GLY A 144 -2.05 -18.79 -11.46
C GLY A 144 -0.90 -18.05 -10.82
N GLN A 145 -0.84 -17.98 -9.49
CA GLN A 145 0.26 -17.29 -8.84
C GLN A 145 1.56 -18.07 -9.04
N THR A 146 2.66 -17.32 -9.00
CA THR A 146 3.98 -17.92 -8.89
C THR A 146 4.26 -18.26 -7.43
N ILE A 147 4.78 -19.47 -7.21
CA ILE A 147 5.03 -19.97 -5.87
C ILE A 147 6.50 -19.98 -5.53
N TYR A 148 6.77 -19.78 -4.24
CA TYR A 148 8.08 -20.02 -3.63
C TYR A 148 8.14 -21.47 -3.21
N THR A 149 9.22 -22.15 -3.59
CA THR A 149 9.44 -23.53 -3.20
C THR A 149 10.70 -23.54 -2.34
N PRO A 150 10.56 -23.55 -1.02
CA PRO A 150 11.76 -23.46 -0.17
C PRO A 150 12.71 -24.62 -0.34
N SER A 151 12.21 -25.81 -0.68
CA SER A 151 13.09 -26.97 -0.78
C SER A 151 14.08 -26.81 -1.92
N LYS A 152 13.84 -25.90 -2.85
CA LYS A 152 14.72 -25.64 -3.98
C LYS A 152 15.68 -24.48 -3.71
N SER A 153 15.63 -23.89 -2.51
CA SER A 153 16.52 -22.80 -2.15
C SER A 153 17.57 -23.31 -1.17
N THR A 154 18.84 -23.24 -1.56
CA THR A 154 19.89 -23.75 -0.71
C THR A 154 20.15 -22.87 0.51
N THR A 155 19.60 -21.66 0.55
CA THR A 155 19.73 -20.77 1.68
C THR A 155 18.48 -20.75 2.58
N ALA A 156 17.42 -21.45 2.21
CA ALA A 156 16.22 -21.47 3.05
C ALA A 156 16.43 -22.35 4.26
N LYS A 157 15.93 -21.86 5.40
N LYS A 157 15.94 -21.87 5.42
CA LYS A 157 15.94 -22.59 6.65
CA LYS A 157 15.95 -22.66 6.63
C LYS A 157 14.56 -22.48 7.28
C LYS A 157 14.63 -22.50 7.34
N LEU A 158 14.00 -23.62 7.68
CA LEU A 158 12.74 -23.59 8.40
C LEU A 158 12.96 -22.93 9.74
N LEU A 159 12.11 -21.98 10.11
CA LEU A 159 12.18 -21.34 11.42
C LEU A 159 11.36 -22.21 12.38
N SER A 160 12.06 -22.94 13.23
CA SER A 160 11.44 -24.01 13.98
CA SER A 160 11.45 -24.02 14.01
C SER A 160 10.32 -23.50 14.89
N GLY A 161 9.13 -24.10 14.73
CA GLY A 161 7.98 -23.79 15.54
C GLY A 161 7.25 -22.52 15.23
N ALA A 162 7.69 -21.78 14.22
CA ALA A 162 7.08 -20.49 13.92
C ALA A 162 5.92 -20.64 12.98
N THR A 163 4.84 -19.93 13.29
CA THR A 163 3.69 -19.84 12.41
C THR A 163 3.26 -18.39 12.32
N TRP A 164 2.38 -18.13 11.37
CA TRP A 164 1.85 -16.79 11.18
C TRP A 164 0.41 -16.89 10.73
N SER A 165 -0.35 -15.83 10.98
CA SER A 165 -1.76 -15.76 10.59
C SER A 165 -2.16 -14.31 10.62
N ILE A 166 -2.69 -13.83 9.51
CA ILE A 166 -3.00 -12.41 9.41
C ILE A 166 -4.39 -12.25 8.85
N SER A 167 -5.08 -11.23 9.36
CA SER A 167 -6.40 -10.84 8.90
C SER A 167 -6.34 -9.37 8.57
N TYR A 168 -6.59 -9.03 7.33
CA TYR A 168 -6.48 -7.67 6.85
C TYR A 168 -7.81 -6.94 6.99
N GLY A 169 -7.72 -5.61 6.93
CA GLY A 169 -8.88 -4.77 7.17
C GLY A 169 -10.02 -4.98 6.20
N ASP A 170 -9.72 -5.47 5.00
CA ASP A 170 -10.72 -5.71 3.98
C ASP A 170 -11.39 -7.08 4.11
N GLY A 171 -11.02 -7.89 5.09
CA GLY A 171 -11.60 -9.20 5.25
C GLY A 171 -10.76 -10.34 4.68
N SER A 172 -9.67 -10.03 3.99
N SER A 172 -9.67 -10.01 3.97
CA SER A 172 -8.85 -11.11 3.47
CA SER A 172 -8.76 -11.01 3.43
C SER A 172 -7.90 -11.60 4.55
C SER A 172 -7.91 -11.60 4.57
N SER A 173 -7.33 -12.78 4.31
CA SER A 173 -6.51 -13.44 5.32
C SER A 173 -5.60 -14.48 4.70
N SER A 174 -4.59 -14.89 5.44
CA SER A 174 -3.66 -15.94 5.04
C SER A 174 -2.89 -16.39 6.27
N SER A 175 -2.29 -17.58 6.18
CA SER A 175 -1.56 -18.16 7.31
C SER A 175 -0.61 -19.25 6.84
N GLY A 176 0.36 -19.61 7.69
CA GLY A 176 1.27 -20.68 7.35
C GLY A 176 2.44 -20.80 8.29
N ASP A 177 3.57 -21.27 7.74
CA ASP A 177 4.82 -21.48 8.48
C ASP A 177 5.86 -20.48 7.97
N VAL A 178 7.08 -20.59 8.46
CA VAL A 178 8.06 -19.52 8.27
C VAL A 178 9.43 -20.11 7.95
N TYR A 179 10.07 -19.54 6.94
CA TYR A 179 11.45 -19.81 6.60
C TYR A 179 12.24 -18.53 6.80
N THR A 180 13.55 -18.66 6.97
CA THR A 180 14.43 -17.53 6.71
C THR A 180 15.16 -17.80 5.40
N ASP A 181 15.38 -16.74 4.63
CA ASP A 181 16.03 -16.88 3.32
C ASP A 181 16.56 -15.52 2.91
N THR A 182 17.34 -15.52 1.83
CA THR A 182 17.85 -14.30 1.24
C THR A 182 16.79 -13.67 0.37
N VAL A 183 16.56 -12.36 0.58
CA VAL A 183 15.54 -11.61 -0.15
C VAL A 183 16.19 -10.36 -0.72
N SER A 184 15.99 -10.11 -2.02
CA SER A 184 16.55 -8.93 -2.66
C SER A 184 15.44 -8.17 -3.37
N VAL A 185 15.52 -6.84 -3.27
CA VAL A 185 14.58 -5.93 -3.92
C VAL A 185 15.41 -4.91 -4.68
N GLY A 186 15.33 -4.94 -6.00
CA GLY A 186 15.93 -3.87 -6.72
C GLY A 186 17.41 -3.76 -6.47
N GLY A 187 18.10 -4.87 -6.22
CA GLY A 187 19.53 -4.82 -5.95
C GLY A 187 19.95 -4.71 -4.49
N LEU A 188 19.03 -4.53 -3.57
CA LEU A 188 19.29 -4.47 -2.12
C LEU A 188 18.99 -5.84 -1.55
N THR A 189 19.96 -6.44 -0.85
CA THR A 189 19.84 -7.80 -0.35
C THR A 189 19.83 -7.84 1.18
N VAL A 190 18.89 -8.63 1.71
CA VAL A 190 18.85 -8.96 3.13
C VAL A 190 19.02 -10.48 3.24
N THR A 191 19.98 -10.91 4.04
CA THR A 191 20.08 -12.33 4.39
C THR A 191 19.29 -12.58 5.68
N GLY A 192 18.75 -13.79 5.80
CA GLY A 192 18.03 -14.15 7.01
C GLY A 192 16.67 -13.49 7.17
N GLN A 193 16.10 -13.00 6.08
CA GLN A 193 14.76 -12.42 6.14
C GLN A 193 13.71 -13.50 6.41
N ALA A 194 12.76 -13.21 7.31
CA ALA A 194 11.63 -14.12 7.48
C ALA A 194 10.72 -14.05 6.27
N VAL A 195 10.53 -15.19 5.63
CA VAL A 195 9.66 -15.38 4.49
C VAL A 195 8.55 -16.31 4.97
N GLU A 196 7.34 -15.76 5.04
CA GLU A 196 6.20 -16.45 5.63
C GLU A 196 5.50 -17.21 4.49
N SER A 197 5.56 -18.52 4.54
CA SER A 197 5.06 -19.39 3.47
C SER A 197 3.61 -19.74 3.76
N ALA A 198 2.72 -19.41 2.83
CA ALA A 198 1.30 -19.64 3.05
C ALA A 198 0.96 -21.12 2.91
N LYS A 199 0.26 -21.63 3.90
CA LYS A 199 -0.47 -22.89 3.78
C LYS A 199 -1.92 -22.67 3.36
N LYS A 200 -2.51 -21.54 3.77
CA LYS A 200 -3.88 -21.19 3.49
C LYS A 200 -3.95 -19.73 3.09
N VAL A 201 -4.78 -19.41 2.10
CA VAL A 201 -5.09 -18.04 1.76
C VAL A 201 -6.61 -17.94 1.55
N SER A 202 -7.14 -16.73 1.76
CA SER A 202 -8.56 -16.48 1.51
C SER A 202 -8.84 -16.35 0.01
N SER A 203 -10.13 -16.46 -0.33
CA SER A 203 -10.53 -16.52 -1.73
C SER A 203 -10.10 -15.27 -2.49
N SER A 204 -10.09 -14.11 -1.83
CA SER A 204 -9.71 -12.90 -2.54
C SER A 204 -8.27 -12.98 -3.05
N PHE A 205 -7.39 -13.63 -2.29
CA PHE A 205 -6.02 -13.83 -2.77
C PHE A 205 -5.98 -14.86 -3.90
N THR A 206 -6.67 -16.00 -3.73
CA THR A 206 -6.71 -16.99 -4.80
C THR A 206 -7.14 -16.35 -6.12
N GLU A 207 -8.14 -15.47 -6.05
CA GLU A 207 -8.75 -14.88 -7.24
C GLU A 207 -7.88 -13.81 -7.89
N ASP A 208 -6.84 -13.32 -7.21
N ASP A 208 -6.80 -13.42 -7.27
CA ASP A 208 -5.92 -12.30 -7.75
CA ASP A 208 -5.91 -12.45 -7.89
C ASP A 208 -4.66 -13.01 -8.23
C ASP A 208 -4.63 -13.17 -8.30
N SER A 209 -4.69 -13.49 -9.48
N SER A 209 -4.61 -13.65 -9.53
CA SER A 209 -3.59 -14.28 -10.02
CA SER A 209 -3.47 -14.37 -10.05
C SER A 209 -2.29 -13.51 -10.12
C SER A 209 -2.22 -13.51 -10.20
N THR A 210 -2.35 -12.17 -10.12
CA THR A 210 -1.20 -11.30 -10.32
C THR A 210 -0.41 -11.02 -9.06
N ILE A 211 -0.94 -11.34 -7.88
CA ILE A 211 -0.29 -11.02 -6.61
C ILE A 211 0.21 -12.32 -5.99
N ASP A 212 1.54 -12.45 -5.89
CA ASP A 212 2.18 -13.66 -5.39
C ASP A 212 2.41 -13.63 -3.88
N GLY A 213 2.03 -12.54 -3.23
CA GLY A 213 2.21 -12.35 -1.81
C GLY A 213 2.33 -10.88 -1.53
N LEU A 214 2.62 -10.59 -0.25
CA LEU A 214 2.74 -9.23 0.26
C LEU A 214 4.12 -9.03 0.88
N LEU A 215 4.62 -7.80 0.77
CA LEU A 215 5.84 -7.40 1.48
C LEU A 215 5.48 -6.22 2.37
N GLY A 216 5.38 -6.49 3.67
CA GLY A 216 4.94 -5.49 4.62
C GLY A 216 6.04 -4.48 4.91
N LEU A 217 5.63 -3.21 5.00
CA LEU A 217 6.49 -2.07 5.21
C LEU A 217 6.01 -1.15 6.33
N ALA A 218 5.02 -1.59 7.12
CA ALA A 218 4.66 -0.92 8.37
C ALA A 218 5.67 -1.33 9.45
N PHE A 219 5.40 -0.97 10.70
CA PHE A 219 6.38 -1.17 11.77
C PHE A 219 6.35 -2.62 12.23
N SER A 220 7.54 -3.13 12.60
CA SER A 220 7.64 -4.55 12.90
C SER A 220 6.82 -4.99 14.12
N THR A 221 6.36 -4.06 14.96
CA THR A 221 5.45 -4.40 16.05
C THR A 221 4.16 -5.07 15.59
N LEU A 222 3.76 -4.90 14.32
CA LEU A 222 2.57 -5.55 13.78
C LEU A 222 2.84 -6.94 13.22
N ASN A 223 4.10 -7.40 13.12
CA ASN A 223 4.36 -8.68 12.50
C ASN A 223 3.67 -9.80 13.27
N THR A 224 3.06 -10.74 12.55
CA THR A 224 2.22 -11.74 13.19
C THR A 224 2.94 -13.05 13.54
N VAL A 225 4.23 -13.19 13.24
CA VAL A 225 4.88 -14.48 13.49
C VAL A 225 4.89 -14.76 14.99
N SER A 226 4.57 -16.01 15.34
CA SER A 226 4.52 -16.47 16.70
C SER A 226 5.28 -17.78 16.78
N PRO A 227 6.00 -18.03 17.89
CA PRO A 227 6.04 -17.27 19.13
C PRO A 227 7.08 -16.18 19.16
N THR A 228 7.84 -16.01 18.09
CA THR A 228 8.93 -15.02 18.03
C THR A 228 8.63 -14.10 16.85
N GLN A 229 8.27 -12.86 17.16
N GLN A 229 8.24 -12.86 17.15
CA GLN A 229 7.94 -11.88 16.12
CA GLN A 229 7.95 -11.90 16.10
C GLN A 229 9.18 -11.58 15.28
C GLN A 229 9.20 -11.66 15.25
N GLN A 230 8.95 -11.39 13.97
CA GLN A 230 10.02 -11.17 13.00
C GLN A 230 10.01 -9.73 12.48
N LYS A 231 11.14 -9.33 11.92
CA LYS A 231 11.33 -7.99 11.39
C LYS A 231 10.96 -7.88 9.92
N THR A 232 10.50 -6.68 9.54
CA THR A 232 10.24 -6.42 8.13
C THR A 232 11.55 -6.33 7.33
N PHE A 233 11.41 -6.44 6.01
CA PHE A 233 12.52 -6.26 5.10
C PHE A 233 13.22 -4.92 5.31
N PHE A 234 12.42 -3.85 5.48
CA PHE A 234 13.02 -2.53 5.69
C PHE A 234 13.75 -2.47 7.02
N ASP A 235 13.17 -3.00 8.10
N ASP A 235 13.15 -3.03 8.08
CA ASP A 235 13.90 -2.95 9.36
CA ASP A 235 13.78 -3.05 9.40
C ASP A 235 15.21 -3.73 9.26
C ASP A 235 15.10 -3.80 9.37
N ASN A 236 15.19 -4.90 8.62
CA ASN A 236 16.43 -5.66 8.48
C ASN A 236 17.45 -4.93 7.62
N ALA A 237 17.02 -4.19 6.59
CA ALA A 237 17.95 -3.50 5.72
C ALA A 237 18.45 -2.17 6.26
N LYS A 238 17.73 -1.54 7.19
N LYS A 238 17.70 -1.58 7.19
CA LYS A 238 17.87 -0.09 7.32
CA LYS A 238 17.83 -0.16 7.49
C LYS A 238 19.24 0.34 7.85
C LYS A 238 19.25 0.25 7.78
N ALA A 239 19.91 -0.47 8.69
CA ALA A 239 21.24 -0.05 9.13
C ALA A 239 22.26 -0.03 8.00
N SER A 240 22.04 -0.86 6.98
N SER A 240 22.04 -0.85 6.97
CA SER A 240 22.96 -0.94 5.85
CA SER A 240 22.96 -0.95 5.83
C SER A 240 22.71 0.16 4.82
C SER A 240 22.67 0.06 4.74
N LEU A 241 21.53 0.73 4.81
CA LEU A 241 21.15 1.69 3.80
C LEU A 241 21.96 2.99 3.92
N ASP A 242 22.16 3.67 2.79
CA ASP A 242 22.84 4.95 2.82
C ASP A 242 22.11 5.92 3.74
N SER A 243 20.78 5.91 3.71
CA SER A 243 19.92 6.73 4.56
CA SER A 243 19.93 6.71 4.58
C SER A 243 18.76 5.81 4.95
N PRO A 244 18.23 5.93 6.17
CA PRO A 244 17.22 4.95 6.66
C PRO A 244 15.81 5.30 6.20
N VAL A 245 15.59 5.21 4.89
CA VAL A 245 14.38 5.68 4.25
C VAL A 245 14.01 4.73 3.12
N PHE A 246 12.72 4.75 2.77
CA PHE A 246 12.29 4.22 1.47
C PHE A 246 11.27 5.21 0.91
N THR A 247 11.10 5.19 -0.41
CA THR A 247 10.16 6.09 -1.06
C THR A 247 9.22 5.32 -1.96
N ALA A 248 7.98 5.79 -2.01
CA ALA A 248 6.94 5.26 -2.88
C ALA A 248 6.60 6.31 -3.91
N ASP A 249 6.70 5.93 -5.18
CA ASP A 249 6.36 6.80 -6.31
C ASP A 249 5.46 5.99 -7.22
N LEU A 250 4.19 5.88 -6.84
CA LEU A 250 3.24 5.07 -7.59
C LEU A 250 2.74 5.84 -8.80
N GLY A 251 2.57 5.13 -9.93
CA GLY A 251 2.07 5.75 -11.15
C GLY A 251 0.56 5.68 -11.26
N TYR A 252 0.00 6.61 -12.01
CA TYR A 252 -1.40 6.58 -12.41
C TYR A 252 -1.44 5.90 -13.78
N HIS A 253 -2.03 4.73 -13.83
CA HIS A 253 -2.12 4.00 -15.09
C HIS A 253 -0.76 3.79 -15.70
N ALA A 254 0.27 3.58 -14.90
CA ALA A 254 1.63 3.53 -15.42
C ALA A 254 2.53 2.99 -14.33
N PRO A 255 3.70 2.48 -14.70
CA PRO A 255 4.66 2.01 -13.69
C PRO A 255 5.22 3.16 -12.86
N GLY A 256 5.78 2.80 -11.72
CA GLY A 256 6.38 3.70 -10.76
C GLY A 256 7.54 3.02 -10.11
N THR A 257 7.96 3.51 -8.96
CA THR A 257 9.20 3.07 -8.34
C THR A 257 9.12 3.04 -6.83
N TYR A 258 9.69 1.98 -6.25
CA TYR A 258 10.07 1.93 -4.84
C TYR A 258 11.59 2.02 -4.75
N ASN A 259 12.08 3.03 -4.01
CA ASN A 259 13.50 3.15 -3.74
C ASN A 259 13.77 2.93 -2.26
N PHE A 260 14.90 2.33 -1.97
CA PHE A 260 15.37 2.07 -0.60
C PHE A 260 16.73 2.73 -0.41
N GLY A 261 16.86 3.57 0.62
CA GLY A 261 18.14 4.10 1.02
C GLY A 261 18.51 5.43 0.46
N PHE A 262 17.70 6.03 -0.43
CA PHE A 262 18.05 7.31 -1.02
C PHE A 262 16.78 7.98 -1.52
N ILE A 263 16.89 9.29 -1.72
N ILE A 263 16.87 9.31 -1.61
CA ILE A 263 15.80 10.13 -2.21
CA ILE A 263 15.88 10.18 -2.24
C ILE A 263 16.21 10.68 -3.58
C ILE A 263 16.34 10.50 -3.65
N ASP A 264 15.50 10.22 -4.63
CA ASP A 264 15.78 10.62 -6.01
C ASP A 264 15.22 12.01 -6.19
N THR A 265 16.10 13.02 -6.16
CA THR A 265 15.66 14.42 -6.22
C THR A 265 15.15 14.81 -7.59
N THR A 266 15.28 13.93 -8.59
CA THR A 266 14.69 14.19 -9.90
C THR A 266 13.26 13.66 -10.03
N ALA A 267 12.73 12.99 -9.00
CA ALA A 267 11.46 12.31 -9.11
C ALA A 267 10.27 13.14 -8.62
N TYR A 268 10.49 14.37 -8.18
CA TYR A 268 9.43 15.19 -7.67
C TYR A 268 9.69 16.64 -8.06
N THR A 269 8.68 17.47 -7.91
CA THR A 269 8.80 18.89 -8.14
C THR A 269 8.75 19.59 -6.79
N GLY A 270 9.26 20.84 -6.76
CA GLY A 270 9.22 21.60 -5.52
C GLY A 270 9.99 20.91 -4.42
N SER A 271 9.53 21.09 -3.18
N SER A 271 9.52 21.07 -3.18
CA SER A 271 10.16 20.52 -2.01
CA SER A 271 10.19 20.50 -2.02
C SER A 271 9.34 19.37 -1.43
C SER A 271 9.33 19.46 -1.34
N ILE A 272 9.99 18.61 -0.56
CA ILE A 272 9.34 17.58 0.22
C ILE A 272 8.96 18.20 1.55
N THR A 273 7.67 18.13 1.92
CA THR A 273 7.20 18.60 3.22
C THR A 273 7.08 17.40 4.14
N TYR A 274 7.80 17.44 5.26
CA TYR A 274 7.78 16.37 6.22
C TYR A 274 6.76 16.68 7.31
N THR A 275 6.20 15.62 7.84
CA THR A 275 5.13 15.69 8.84
C THR A 275 5.32 14.57 9.87
N ALA A 276 4.84 14.82 11.08
CA ALA A 276 5.04 13.92 12.18
C ALA A 276 4.28 12.61 12.01
N VAL A 277 4.86 11.54 12.53
CA VAL A 277 4.28 10.20 12.51
C VAL A 277 4.10 9.71 13.92
N SER A 278 2.97 9.04 14.17
CA SER A 278 2.78 8.25 15.37
C SER A 278 2.90 6.77 14.99
N THR A 279 3.76 6.04 15.71
CA THR A 279 3.90 4.61 15.50
C THR A 279 3.10 3.80 16.50
N LYS A 280 2.27 4.44 17.31
CA LYS A 280 1.61 3.76 18.42
C LYS A 280 0.71 2.63 17.96
N GLN A 281 0.11 2.71 16.76
CA GLN A 281 -0.71 1.63 16.23
C GLN A 281 0.04 0.77 15.22
N GLY A 282 1.35 0.98 15.06
CA GLY A 282 2.17 0.22 14.15
C GLY A 282 2.14 0.68 12.72
N PHE A 283 1.43 1.77 12.42
CA PHE A 283 1.25 2.28 11.07
C PHE A 283 2.07 3.56 10.89
N TRP A 284 2.19 3.96 9.62
CA TRP A 284 2.70 5.28 9.26
C TRP A 284 1.53 6.26 9.38
N GLU A 285 1.23 6.62 10.63
CA GLU A 285 0.05 7.41 10.98
C GLU A 285 0.44 8.87 11.12
N TRP A 286 -0.32 9.75 10.48
CA TRP A 286 0.00 11.17 10.41
C TRP A 286 -1.30 11.97 10.42
N THR A 287 -1.19 13.28 10.42
CA THR A 287 -2.35 14.17 10.47
C THR A 287 -2.29 15.14 9.32
N SER A 288 -3.21 14.97 8.36
CA SER A 288 -3.38 15.93 7.30
C SER A 288 -3.99 17.21 7.86
N THR A 289 -3.64 18.33 7.27
CA THR A 289 -4.09 19.64 7.72
C THR A 289 -5.38 20.12 7.05
N GLY A 290 -5.93 19.38 6.10
CA GLY A 290 -7.27 19.70 5.59
C GLY A 290 -7.41 19.29 4.15
N TYR A 291 -8.44 19.83 3.51
CA TYR A 291 -8.74 19.40 2.16
C TYR A 291 -9.46 20.50 1.38
N ALA A 292 -9.49 20.32 0.05
CA ALA A 292 -10.34 21.09 -0.84
C ALA A 292 -10.92 20.16 -1.89
N VAL A 293 -12.08 20.54 -2.41
CA VAL A 293 -12.75 19.83 -3.49
C VAL A 293 -12.70 20.69 -4.75
N GLY A 294 -12.10 20.17 -5.81
CA GLY A 294 -11.98 20.94 -7.03
C GLY A 294 -11.31 22.26 -6.75
N SER A 295 -11.87 23.33 -7.31
CA SER A 295 -11.35 24.68 -7.14
CA SER A 295 -11.37 24.69 -7.16
C SER A 295 -11.89 25.37 -5.90
N GLY A 296 -12.55 24.63 -5.01
CA GLY A 296 -13.13 25.19 -3.81
C GLY A 296 -12.10 25.62 -2.78
N THR A 297 -12.61 26.32 -1.77
N THR A 297 -12.57 26.40 -1.81
CA THR A 297 -11.77 26.86 -0.71
CA THR A 297 -11.64 26.86 -0.79
C THR A 297 -11.25 25.75 0.21
C THR A 297 -11.16 25.68 0.04
N PHE A 298 -9.97 25.84 0.57
CA PHE A 298 -9.36 24.83 1.43
C PHE A 298 -9.96 24.93 2.83
N LYS A 299 -10.36 23.78 3.36
CA LYS A 299 -10.90 23.65 4.70
C LYS A 299 -9.78 23.15 5.60
N SER A 300 -9.42 23.97 6.58
CA SER A 300 -8.38 23.63 7.53
C SER A 300 -9.01 22.77 8.61
N THR A 301 -8.60 21.52 8.70
CA THR A 301 -9.16 20.58 9.66
C THR A 301 -8.21 19.41 9.78
N SER A 302 -7.98 18.94 10.99
CA SER A 302 -7.04 17.84 11.21
C SER A 302 -7.69 16.52 10.86
N ILE A 303 -7.02 15.74 9.99
CA ILE A 303 -7.50 14.42 9.59
C ILE A 303 -6.40 13.42 9.87
N ASP A 304 -6.55 12.65 10.95
CA ASP A 304 -5.59 11.62 11.30
CA ASP A 304 -5.59 11.63 11.30
C ASP A 304 -5.81 10.41 10.41
N GLY A 305 -4.74 9.87 9.82
CA GLY A 305 -4.92 8.67 9.01
C GLY A 305 -3.59 8.03 8.74
N ILE A 306 -3.62 6.95 7.96
CA ILE A 306 -2.40 6.18 7.70
C ILE A 306 -2.03 6.27 6.23
N ALA A 307 -0.72 6.30 5.94
CA ALA A 307 -0.21 6.19 4.57
C ALA A 307 -0.09 4.71 4.24
N ASP A 308 -0.98 4.20 3.38
CA ASP A 308 -1.12 2.76 3.18
C ASP A 308 -1.07 2.39 1.70
N THR A 309 0.11 1.98 1.21
CA THR A 309 0.25 1.59 -0.17
C THR A 309 -0.53 0.33 -0.51
N GLY A 310 -0.91 -0.46 0.49
CA GLY A 310 -1.63 -1.69 0.28
C GLY A 310 -3.14 -1.54 0.25
N THR A 311 -3.66 -0.34 0.34
CA THR A 311 -5.10 -0.04 0.22
C THR A 311 -5.28 0.72 -1.08
N THR A 312 -6.29 0.34 -1.88
CA THR A 312 -6.47 0.96 -3.18
C THR A 312 -6.96 2.40 -3.08
N LEU A 313 -8.00 2.61 -2.25
CA LEU A 313 -8.78 3.85 -2.28
C LEU A 313 -8.39 4.79 -1.14
N LEU A 314 -9.00 5.96 -1.18
CA LEU A 314 -8.84 7.01 -0.16
C LEU A 314 -10.08 7.01 0.72
N TYR A 315 -9.90 6.65 1.99
CA TYR A 315 -10.98 6.53 2.95
C TYR A 315 -10.90 7.66 3.96
N LEU A 316 -11.90 8.52 3.98
CA LEU A 316 -11.90 9.75 4.77
C LEU A 316 -13.21 9.90 5.53
N PRO A 317 -13.29 10.85 6.48
CA PRO A 317 -14.51 11.00 7.27
C PRO A 317 -15.72 11.26 6.40
N ALA A 318 -16.87 10.83 6.87
CA ALA A 318 -18.11 10.95 6.11
C ALA A 318 -18.39 12.37 5.70
N THR A 319 -18.09 13.35 6.55
CA THR A 319 -18.37 14.73 6.19
C THR A 319 -17.57 15.16 4.97
N VAL A 320 -16.29 14.77 4.93
CA VAL A 320 -15.39 15.15 3.84
C VAL A 320 -15.84 14.48 2.55
N VAL A 321 -16.17 13.21 2.65
CA VAL A 321 -16.55 12.43 1.46
C VAL A 321 -17.89 12.92 0.90
N SER A 322 -18.82 13.29 1.77
CA SER A 322 -20.09 13.85 1.31
C SER A 322 -19.84 15.16 0.57
N ALA A 323 -18.95 16.00 1.11
CA ALA A 323 -18.64 17.27 0.46
C ALA A 323 -18.04 17.05 -0.94
N TYR A 324 -17.20 16.03 -1.08
CA TYR A 324 -16.65 15.71 -2.41
C TYR A 324 -17.74 15.29 -3.39
N TRP A 325 -18.50 14.24 -3.03
CA TRP A 325 -19.45 13.67 -3.98
C TRP A 325 -20.62 14.60 -4.27
N ALA A 326 -20.93 15.56 -3.39
CA ALA A 326 -21.93 16.57 -3.66
C ALA A 326 -21.59 17.40 -4.88
N GLN A 327 -20.33 17.44 -5.28
CA GLN A 327 -19.91 18.19 -6.46
C GLN A 327 -20.04 17.40 -7.75
N VAL A 328 -20.54 16.18 -7.69
CA VAL A 328 -20.66 15.30 -8.86
C VAL A 328 -22.14 15.01 -9.09
N SER A 329 -22.70 15.55 -10.17
CA SER A 329 -24.11 15.38 -10.45
CA SER A 329 -24.12 15.38 -10.40
C SER A 329 -24.45 13.91 -10.57
N GLY A 330 -25.45 13.46 -9.83
CA GLY A 330 -25.91 12.10 -9.89
C GLY A 330 -25.19 11.14 -8.96
N ALA A 331 -24.13 11.56 -8.28
CA ALA A 331 -23.43 10.65 -7.37
C ALA A 331 -24.30 10.38 -6.14
N LYS A 332 -24.19 9.16 -5.62
CA LYS A 332 -24.96 8.77 -4.44
C LYS A 332 -24.22 7.67 -3.72
N SER A 333 -24.48 7.53 -2.43
CA SER A 333 -23.97 6.41 -1.67
C SER A 333 -24.95 5.25 -1.81
N SER A 334 -24.45 4.12 -2.29
CA SER A 334 -25.25 2.94 -2.56
C SER A 334 -24.95 1.89 -1.50
N SER A 335 -25.96 1.53 -0.71
CA SER A 335 -25.75 0.49 0.29
CA SER A 335 -25.76 0.48 0.29
C SER A 335 -25.52 -0.87 -0.38
N SER A 336 -26.19 -1.11 -1.49
CA SER A 336 -26.06 -2.39 -2.18
C SER A 336 -24.68 -2.54 -2.82
N VAL A 337 -24.14 -1.46 -3.36
CA VAL A 337 -22.84 -1.56 -3.99
C VAL A 337 -21.72 -1.49 -2.95
N GLY A 338 -21.93 -0.76 -1.85
CA GLY A 338 -20.95 -0.63 -0.79
C GLY A 338 -20.16 0.66 -0.78
N GLY A 339 -20.70 1.72 -1.37
CA GLY A 339 -20.06 3.01 -1.28
C GLY A 339 -20.66 3.97 -2.29
N TYR A 340 -19.98 5.09 -2.45
CA TYR A 340 -20.39 6.09 -3.43
C TYR A 340 -20.12 5.60 -4.83
N VAL A 341 -21.12 5.80 -5.66
CA VAL A 341 -21.12 5.53 -7.09
C VAL A 341 -21.51 6.81 -7.81
N PHE A 342 -21.18 6.87 -9.08
CA PHE A 342 -21.42 8.08 -9.85
C PHE A 342 -21.60 7.74 -11.31
N PRO A 343 -22.25 8.59 -12.08
CA PRO A 343 -22.45 8.27 -13.50
C PRO A 343 -21.13 8.20 -14.23
N CYS A 344 -20.93 7.15 -15.03
CA CYS A 344 -19.66 7.01 -15.71
C CYS A 344 -19.39 8.16 -16.68
N SER A 345 -20.42 8.88 -17.12
CA SER A 345 -20.29 10.02 -18.00
C SER A 345 -19.79 11.28 -17.30
N ALA A 346 -19.64 11.26 -15.98
CA ALA A 346 -19.18 12.45 -15.26
C ALA A 346 -17.69 12.69 -15.47
N THR A 347 -17.31 13.97 -15.42
CA THR A 347 -15.92 14.39 -15.25
C THR A 347 -15.76 14.77 -13.78
N LEU A 348 -14.88 14.10 -13.06
CA LEU A 348 -14.78 14.26 -11.61
C LEU A 348 -13.91 15.46 -11.25
N PRO A 349 -14.23 16.15 -10.15
CA PRO A 349 -13.35 17.19 -9.65
C PRO A 349 -12.12 16.60 -8.97
N SER A 350 -11.07 17.41 -8.91
CA SER A 350 -9.89 17.02 -8.14
C SER A 350 -10.21 17.04 -6.65
N PHE A 351 -9.28 16.47 -5.87
CA PHE A 351 -9.35 16.49 -4.41
C PHE A 351 -7.97 16.86 -3.90
N THR A 352 -7.88 17.87 -3.05
CA THR A 352 -6.60 18.33 -2.50
C THR A 352 -6.54 17.95 -1.03
N PHE A 353 -5.39 17.41 -0.58
CA PHE A 353 -5.19 17.22 0.84
C PHE A 353 -3.97 18.00 1.30
N GLY A 354 -3.99 18.42 2.57
CA GLY A 354 -2.91 19.20 3.12
C GLY A 354 -1.86 18.37 3.84
N VAL A 355 -0.61 18.77 3.67
CA VAL A 355 0.52 18.21 4.38
C VAL A 355 1.24 19.43 4.94
N GLY A 356 1.05 19.70 6.23
CA GLY A 356 1.49 20.99 6.73
C GLY A 356 0.89 22.11 5.89
N SER A 357 1.70 23.08 5.49
CA SER A 357 1.24 24.16 4.63
CA SER A 357 1.25 24.16 4.63
C SER A 357 1.23 23.77 3.16
N ALA A 358 1.72 22.59 2.82
CA ALA A 358 1.77 22.14 1.43
C ALA A 358 0.43 21.46 1.04
N ARG A 359 0.27 21.30 -0.26
CA ARG A 359 -0.99 20.80 -0.82
C ARG A 359 -0.66 19.75 -1.87
N ILE A 360 -1.31 18.59 -1.79
CA ILE A 360 -1.19 17.54 -2.79
C ILE A 360 -2.53 17.45 -3.52
N VAL A 361 -2.50 17.60 -4.84
CA VAL A 361 -3.72 17.60 -5.65
C VAL A 361 -3.88 16.26 -6.35
N ILE A 362 -4.98 15.56 -6.04
CA ILE A 362 -5.34 14.32 -6.70
C ILE A 362 -6.23 14.69 -7.90
N PRO A 363 -5.79 14.47 -9.13
CA PRO A 363 -6.67 14.80 -10.27
C PRO A 363 -7.95 13.98 -10.22
N GLY A 364 -9.03 14.58 -10.76
CA GLY A 364 -10.30 13.89 -10.77
C GLY A 364 -10.25 12.50 -11.38
N ASP A 365 -9.51 12.33 -12.47
N ASP A 365 -9.51 12.31 -12.46
CA ASP A 365 -9.50 11.02 -13.12
CA ASP A 365 -9.57 10.99 -13.08
C ASP A 365 -8.99 9.91 -12.19
C ASP A 365 -8.88 9.90 -12.26
N TYR A 366 -8.13 10.26 -11.21
CA TYR A 366 -7.60 9.26 -10.31
C TYR A 366 -8.68 8.65 -9.43
N ILE A 367 -9.83 9.31 -9.35
CA ILE A 367 -10.93 8.94 -8.45
C ILE A 367 -11.96 8.07 -9.16
N ASP A 368 -11.78 7.79 -10.45
N ASP A 368 -11.76 7.77 -10.44
CA ASP A 368 -12.69 6.93 -11.21
CA ASP A 368 -12.69 6.94 -11.22
C ASP A 368 -12.19 5.49 -11.15
C ASP A 368 -12.22 5.49 -11.21
N PHE A 369 -13.00 4.60 -10.58
CA PHE A 369 -12.70 3.16 -10.53
C PHE A 369 -13.60 2.35 -11.44
N GLY A 370 -14.23 2.98 -12.41
CA GLY A 370 -14.87 2.28 -13.49
C GLY A 370 -16.20 1.65 -13.12
N PRO A 371 -16.81 0.96 -14.10
CA PRO A 371 -18.15 0.39 -13.89
C PRO A 371 -18.23 -0.54 -12.70
N ILE A 372 -19.36 -0.47 -12.00
CA ILE A 372 -19.54 -1.27 -10.80
C ILE A 372 -19.63 -2.75 -11.13
N SER A 373 -20.08 -3.05 -12.34
CA SER A 373 -20.13 -4.41 -12.90
C SER A 373 -19.97 -4.23 -14.39
N THR A 374 -19.54 -5.29 -15.07
CA THR A 374 -19.21 -5.13 -16.47
C THR A 374 -20.43 -4.60 -17.25
N GLY A 375 -20.19 -3.56 -18.04
CA GLY A 375 -21.21 -2.99 -18.87
C GLY A 375 -22.11 -1.97 -18.19
N SER A 376 -21.99 -1.77 -16.88
CA SER A 376 -22.80 -0.77 -16.19
C SER A 376 -22.35 0.63 -16.54
N SER A 377 -23.29 1.59 -16.53
CA SER A 377 -22.95 3.01 -16.61
C SER A 377 -22.88 3.69 -15.27
N SER A 378 -22.91 2.92 -14.18
CA SER A 378 -22.63 3.44 -12.85
CA SER A 378 -22.63 3.44 -12.85
C SER A 378 -21.20 3.04 -12.49
N CYS A 379 -20.43 4.01 -12.02
CA CYS A 379 -19.01 3.84 -11.74
C CYS A 379 -18.72 3.94 -10.26
N PHE A 380 -17.68 3.25 -9.81
CA PHE A 380 -17.32 3.23 -8.41
C PHE A 380 -16.35 4.35 -8.09
N GLY A 381 -16.62 5.05 -6.99
CA GLY A 381 -15.78 6.16 -6.59
C GLY A 381 -14.50 5.74 -5.88
N GLY A 382 -13.47 6.57 -6.06
CA GLY A 382 -12.18 6.33 -5.44
C GLY A 382 -11.96 6.97 -4.08
N ILE A 383 -12.90 7.79 -3.65
CA ILE A 383 -12.96 8.41 -2.33
C ILE A 383 -14.19 7.85 -1.64
N GLN A 384 -14.00 7.22 -0.49
CA GLN A 384 -15.06 6.53 0.22
C GLN A 384 -14.99 6.86 1.70
N SER A 385 -16.11 6.67 2.39
CA SER A 385 -16.15 6.94 3.82
C SER A 385 -15.36 5.92 4.62
N SER A 386 -14.66 6.42 5.64
CA SER A 386 -14.00 5.56 6.60
C SER A 386 -14.91 5.19 7.76
N ALA A 387 -16.15 5.65 7.77
N ALA A 387 -16.16 5.63 7.77
CA ALA A 387 -17.05 5.31 8.86
CA ALA A 387 -16.94 5.55 8.99
C ALA A 387 -17.26 3.80 8.89
C ALA A 387 -17.00 4.12 9.55
N GLY A 388 -17.04 3.20 10.05
N GLY A 388 -17.12 3.11 8.68
CA GLY A 388 -17.09 1.79 10.18
CA GLY A 388 -17.23 1.72 9.10
C GLY A 388 -15.74 1.12 10.03
C GLY A 388 -15.91 0.99 9.26
N ILE A 389 -14.81 1.72 9.28
CA ILE A 389 -13.45 1.18 9.24
C ILE A 389 -12.73 1.42 10.55
N GLY A 390 -12.92 2.60 11.13
CA GLY A 390 -12.28 2.98 12.34
C GLY A 390 -11.00 3.75 12.19
N ILE A 391 -10.53 3.96 10.95
CA ILE A 391 -9.33 4.74 10.71
C ILE A 391 -9.47 5.34 9.33
N ASN A 392 -8.90 6.54 9.14
CA ASN A 392 -8.80 7.10 7.80
C ASN A 392 -7.57 6.54 7.11
N ILE A 393 -7.69 6.30 5.80
CA ILE A 393 -6.65 5.62 5.06
C ILE A 393 -6.31 6.40 3.80
N PHE A 394 -5.08 6.91 3.75
CA PHE A 394 -4.53 7.53 2.55
C PHE A 394 -3.92 6.39 1.74
N GLY A 395 -4.78 5.73 0.95
CA GLY A 395 -4.38 4.64 0.08
C GLY A 395 -3.85 5.13 -1.24
N ASP A 396 -3.79 4.21 -2.20
CA ASP A 396 -3.11 4.48 -3.47
C ASP A 396 -3.65 5.71 -4.19
N VAL A 397 -4.98 5.92 -4.16
CA VAL A 397 -5.57 7.09 -4.80
C VAL A 397 -4.87 8.36 -4.38
N ALA A 398 -4.60 8.50 -3.07
CA ALA A 398 -3.89 9.68 -2.58
C ALA A 398 -2.39 9.59 -2.84
N LEU A 399 -1.78 8.44 -2.49
CA LEU A 399 -0.33 8.36 -2.53
C LEU A 399 0.21 8.48 -3.95
N LYS A 400 -0.52 8.01 -4.96
CA LYS A 400 -0.03 8.05 -6.35
CA LYS A 400 0.01 8.05 -6.33
C LYS A 400 0.03 9.47 -6.89
N ALA A 401 -0.63 10.44 -6.24
CA ALA A 401 -0.51 11.85 -6.61
C ALA A 401 0.74 12.50 -6.04
N ALA A 402 1.56 11.77 -5.28
CA ALA A 402 2.70 12.34 -4.58
C ALA A 402 3.92 11.45 -4.73
N PHE A 403 5.07 12.04 -4.43
CA PHE A 403 6.29 11.32 -4.12
C PHE A 403 6.34 11.26 -2.59
N VAL A 404 6.40 10.05 -2.04
CA VAL A 404 6.20 9.86 -0.59
C VAL A 404 7.44 9.25 0.02
N VAL A 405 7.97 9.90 1.04
CA VAL A 405 9.14 9.45 1.79
C VAL A 405 8.69 8.84 3.10
N PHE A 406 9.06 7.60 3.31
CA PHE A 406 8.85 6.87 4.56
C PHE A 406 10.20 6.92 5.28
N ASN A 407 10.34 7.87 6.19
CA ASN A 407 11.60 8.14 6.86
C ASN A 407 11.66 7.35 8.15
N GLY A 408 12.51 6.34 8.16
CA GLY A 408 12.73 5.46 9.29
C GLY A 408 13.86 5.83 10.22
N ALA A 409 14.16 7.11 10.31
CA ALA A 409 15.05 7.61 11.34
C ALA A 409 14.51 7.26 12.74
N THR A 410 15.37 7.52 13.73
CA THR A 410 15.05 7.21 15.12
C THR A 410 13.65 7.69 15.49
N THR A 411 13.32 8.91 15.10
CA THR A 411 11.93 9.36 15.15
C THR A 411 11.38 9.37 13.74
N PRO A 412 10.55 8.40 13.36
CA PRO A 412 10.09 8.37 11.97
C PRO A 412 9.26 9.58 11.61
N THR A 413 9.30 9.94 10.32
CA THR A 413 8.44 10.98 9.76
C THR A 413 8.02 10.56 8.36
N LEU A 414 7.02 11.26 7.81
N LEU A 414 7.18 11.38 7.75
CA LEU A 414 6.61 11.07 6.43
CA LEU A 414 6.60 11.08 6.46
C LEU A 414 6.91 12.35 5.67
C LEU A 414 6.72 12.33 5.61
N GLY A 415 7.30 12.22 4.41
CA GLY A 415 7.44 13.34 3.53
C GLY A 415 6.57 13.19 2.30
N PHE A 416 6.02 14.32 1.84
CA PHE A 416 5.22 14.35 0.62
C PHE A 416 5.69 15.47 -0.28
N ALA A 417 5.84 15.19 -1.58
CA ALA A 417 6.10 16.19 -2.60
C ALA A 417 5.13 15.95 -3.75
N SER A 418 4.79 17.03 -4.43
CA SER A 418 4.14 16.92 -5.72
C SER A 418 5.12 16.38 -6.76
N LYS A 419 4.59 15.92 -7.88
CA LYS A 419 5.43 15.33 -8.91
C LYS A 419 4.88 15.48 -10.29
#